data_6WT8
#
_entry.id   6WT8
#
_cell.length_a   51.181
_cell.length_b   78.100
_cell.length_c   111.105
_cell.angle_alpha   90.000
_cell.angle_beta   90.000
_cell.angle_gamma   90.000
#
_symmetry.space_group_name_H-M   'P 21 21 21'
#
loop_
_entity.id
_entity.type
_entity.pdbx_description
1 polymer 'STING-associated CdnE c-di-GMP synthase'
2 water water
#
_entity_poly.entity_id   1
_entity_poly.type   'polypeptide(L)'
_entity_poly.pdbx_seq_one_letter_code
;SQKNYLELIKKVRERSNPDLVQ(MSE)TK(MSE)YSETLSGSKLFENKSIEYSDVSIYIKES(MSE)KGVAPSYT(MSE)
NSKVAANKVEAHLKKSHGNLVDFERQGSV(MSE)TNTHILKENDVDLVQITNKSSEFDHKGLEKALNNTSVLKTEEILNL
KKHKENFSPYQGNQIDDLKYVRLKSELVLSSTYKTVDIEKENSIYVKVTEPERDIDVVTATYYKSVDF(MSE)KTNDKSR
KGIQIYNKKTGKINDVDYPFLSIERINVKDIISNRRLKN(MSE)IRFLKNIKYDCPHIENKGSIRSFHINAICYNIDVKK
YEDLHYLDLVSILYQELTNIISNKSYRDNIKSVDGCEYIFEFDCAKKLIEIEFLSQELDSIIADLHNQSLLVG
;
_entity_poly.pdbx_strand_id   A
#
# COMPACT_ATOMS: atom_id res chain seq x y z
N SER A 1 -14.31 25.54 13.92
CA SER A 1 -12.98 25.20 14.40
C SER A 1 -11.94 26.29 14.13
N GLN A 2 -10.76 26.14 14.73
CA GLN A 2 -9.66 27.05 14.50
C GLN A 2 -8.74 26.63 13.35
N LYS A 3 -9.15 25.66 12.53
CA LYS A 3 -8.28 25.19 11.46
C LYS A 3 -8.09 26.28 10.42
N ASN A 4 -6.85 26.40 9.92
CA ASN A 4 -6.50 27.38 8.90
C ASN A 4 -6.42 26.62 7.58
N TYR A 5 -7.50 26.66 6.79
CA TYR A 5 -7.52 25.83 5.59
C TYR A 5 -6.63 26.38 4.49
N LEU A 6 -6.43 27.70 4.47
CA LEU A 6 -5.48 28.26 3.51
C LEU A 6 -4.08 27.70 3.72
N GLU A 7 -3.62 27.64 4.97
CA GLU A 7 -2.32 27.07 5.25
C GLU A 7 -2.28 25.58 4.91
N LEU A 8 -3.38 24.87 5.19
CA LEU A 8 -3.46 23.44 4.90
C LEU A 8 -3.41 23.19 3.40
N ILE A 9 -4.14 24.01 2.63
CA ILE A 9 -4.10 23.88 1.17
C ILE A 9 -2.69 24.08 0.65
N LYS A 10 -1.98 25.08 1.17
CA LYS A 10 -0.59 25.31 0.73
C LYS A 10 0.29 24.11 1.07
N LYS A 11 0.06 23.47 2.22
CA LYS A 11 0.89 22.33 2.59
C LYS A 11 0.63 21.14 1.68
N VAL A 12 -0.64 20.82 1.43
CA VAL A 12 -0.96 19.70 0.54
C VAL A 12 -0.37 19.96 -0.83
N ARG A 13 -0.51 21.18 -1.33
CA ARG A 13 0.03 21.51 -2.65
C ARG A 13 1.53 21.30 -2.72
N GLU A 14 2.25 21.72 -1.69
CA GLU A 14 3.70 21.57 -1.76
C GLU A 14 4.07 20.11 -1.84
N ARG A 15 3.30 19.24 -1.17
CA ARG A 15 3.60 17.82 -1.17
C ARG A 15 3.16 17.13 -2.45
N SER A 16 2.08 17.59 -3.04
CA SER A 16 1.32 16.85 -4.04
C SER A 16 1.40 17.43 -5.44
N ASN A 17 1.36 18.75 -5.58
CA ASN A 17 1.20 19.32 -6.91
C ASN A 17 1.69 20.76 -6.84
N PRO A 18 2.98 20.99 -6.60
CA PRO A 18 3.45 22.36 -6.38
C PRO A 18 3.31 23.24 -7.60
N ASP A 19 3.32 22.68 -8.80
CA ASP A 19 3.20 23.50 -10.01
C ASP A 19 1.77 23.66 -10.48
N LEU A 20 0.82 23.13 -9.72
CA LEU A 20 -0.61 23.34 -9.99
C LEU A 20 -1.00 22.88 -11.39
N VAL A 21 -0.53 21.68 -11.74
CA VAL A 21 -0.96 21.08 -13.00
C VAL A 21 -2.42 20.67 -12.87
N GLN A 22 -3.10 20.62 -14.01
CA GLN A 22 -4.49 20.19 -14.02
C GLN A 22 -4.60 18.77 -13.48
N THR A 24 -7.32 15.55 -12.62
CA THR A 24 -8.67 15.10 -13.01
C THR A 24 -9.63 15.30 -11.86
N LYS A 25 -10.76 15.95 -12.16
CA LYS A 25 -11.78 16.15 -11.13
C LYS A 25 -12.42 14.82 -10.79
N TYR A 27 -15.52 12.59 -10.20
CA TYR A 27 -16.75 12.70 -10.97
C TYR A 27 -17.89 13.29 -10.13
N SER A 28 -17.90 13.03 -8.82
CA SER A 28 -19.02 13.56 -8.04
C SER A 28 -18.95 15.06 -7.98
N GLU A 29 -17.77 15.66 -8.25
CA GLU A 29 -17.72 17.12 -8.31
C GLU A 29 -18.68 17.70 -9.35
N THR A 30 -18.72 17.11 -10.55
CA THR A 30 -19.53 17.71 -11.61
C THR A 30 -20.86 17.02 -11.78
N LEU A 31 -21.02 15.81 -11.27
CA LEU A 31 -22.26 15.08 -11.53
C LEU A 31 -23.13 14.97 -10.30
N SER A 32 -22.61 15.25 -9.12
CA SER A 32 -23.39 14.99 -7.93
C SER A 32 -23.41 16.25 -7.06
N GLY A 33 -24.01 16.11 -5.89
CA GLY A 33 -23.98 17.17 -4.91
C GLY A 33 -24.13 16.59 -3.52
N SER A 34 -23.65 17.34 -2.53
CA SER A 34 -23.71 16.84 -1.18
C SER A 34 -25.14 16.80 -0.66
N LYS A 35 -25.45 15.74 0.09
CA LYS A 35 -26.72 15.66 0.80
C LYS A 35 -26.67 16.32 2.16
N LEU A 36 -25.47 16.46 2.73
CA LEU A 36 -25.30 17.01 4.07
C LEU A 36 -25.00 18.50 4.07
N PHE A 37 -24.40 19.01 2.98
CA PHE A 37 -24.03 20.40 2.88
C PHE A 37 -24.64 21.05 1.64
N SER A 41 -22.18 26.54 -3.80
CA SER A 41 -20.93 27.27 -3.64
C SER A 41 -19.99 26.70 -2.58
N ILE A 42 -20.46 25.73 -1.79
CA ILE A 42 -19.56 25.11 -0.81
C ILE A 42 -18.35 24.46 -1.49
N GLU A 43 -18.45 24.12 -2.78
CA GLU A 43 -17.36 23.34 -3.34
C GLU A 43 -16.09 24.15 -3.56
N TYR A 44 -16.16 25.49 -3.60
CA TYR A 44 -14.94 26.28 -3.61
C TYR A 44 -14.76 27.07 -2.32
N SER A 45 -15.38 26.61 -1.23
CA SER A 45 -14.90 27.00 0.09
C SER A 45 -13.49 26.46 0.34
N ASP A 46 -12.75 27.13 1.23
CA ASP A 46 -11.40 26.66 1.54
C ASP A 46 -11.43 25.26 2.11
N VAL A 47 -12.40 24.93 2.97
CA VAL A 47 -12.42 23.58 3.56
C VAL A 47 -12.66 22.53 2.47
N SER A 48 -13.58 22.84 1.54
CA SER A 48 -13.83 21.90 0.43
C SER A 48 -12.59 21.74 -0.44
N ILE A 49 -11.91 22.84 -0.77
CA ILE A 49 -10.70 22.70 -1.59
C ILE A 49 -9.65 21.85 -0.89
N TYR A 50 -9.49 22.07 0.41
CA TYR A 50 -8.57 21.22 1.16
C TYR A 50 -8.94 19.75 1.04
N ILE A 51 -10.22 19.46 1.27
CA ILE A 51 -10.68 18.05 1.15
C ILE A 51 -10.39 17.51 -0.25
N LYS A 52 -10.71 18.30 -1.28
CA LYS A 52 -10.53 17.82 -2.66
C LYS A 52 -9.07 17.50 -2.94
N GLU A 53 -8.17 18.42 -2.57
CA GLU A 53 -6.77 18.24 -2.92
C GLU A 53 -6.15 17.15 -2.07
N SER A 54 -6.67 16.96 -0.85
CA SER A 54 -6.21 15.86 -0.01
C SER A 54 -6.68 14.51 -0.56
N LYS A 56 -7.32 13.90 -3.89
CA LYS A 56 -6.85 13.60 -5.24
C LYS A 56 -5.40 13.10 -5.30
N GLY A 57 -4.58 13.41 -4.29
CA GLY A 57 -3.21 12.88 -4.25
C GLY A 57 -2.21 13.61 -5.16
N VAL A 58 -1.19 12.86 -5.57
CA VAL A 58 0.01 13.39 -6.20
C VAL A 58 -0.19 13.57 -7.70
N ALA A 59 0.38 14.65 -8.23
CA ALA A 59 0.34 14.89 -9.67
C ALA A 59 0.94 13.69 -10.43
N PRO A 60 0.35 13.33 -11.57
CA PRO A 60 0.72 12.07 -12.26
C PRO A 60 2.15 12.04 -12.77
N SER A 61 2.79 13.17 -13.05
CA SER A 61 4.14 13.09 -13.58
C SER A 61 5.10 12.46 -12.57
N TYR A 62 4.89 12.69 -11.27
CA TYR A 62 5.81 12.15 -10.28
C TYR A 62 5.72 10.63 -10.24
N THR A 63 4.49 10.15 -10.26
CA THR A 63 4.21 8.73 -10.23
C THR A 63 4.75 8.05 -11.48
N ASN A 65 7.14 9.20 -13.44
CA ASN A 65 8.60 9.25 -13.41
C ASN A 65 9.17 8.14 -12.53
N SER A 66 8.52 7.87 -11.39
CA SER A 66 8.99 6.80 -10.50
C SER A 66 8.97 5.47 -11.21
N LYS A 67 7.91 5.17 -11.92
CA LYS A 67 7.79 3.87 -12.57
C LYS A 67 8.76 3.75 -13.73
N VAL A 68 8.96 4.83 -14.48
CA VAL A 68 9.94 4.82 -15.58
C VAL A 68 11.34 4.61 -15.04
N ALA A 69 11.69 5.31 -13.94
CA ALA A 69 13.01 5.13 -13.35
C ALA A 69 13.21 3.67 -12.92
N ALA A 70 12.21 3.08 -12.28
CA ALA A 70 12.34 1.68 -11.86
C ALA A 70 12.42 0.74 -13.08
N ASN A 71 11.72 1.08 -14.16
CA ASN A 71 11.87 0.26 -15.38
C ASN A 71 13.30 0.32 -15.94
N LYS A 72 13.93 1.50 -15.90
CA LYS A 72 15.31 1.62 -16.36
C LYS A 72 16.25 0.77 -15.51
N VAL A 73 16.07 0.80 -14.17
CA VAL A 73 16.87 -0.07 -13.30
C VAL A 73 16.65 -1.54 -13.65
N GLU A 74 15.37 -1.94 -13.79
CA GLU A 74 15.06 -3.33 -14.13
C GLU A 74 15.80 -3.79 -15.38
N ALA A 75 15.89 -2.94 -16.41
CA ALA A 75 16.55 -3.40 -17.64
C ALA A 75 18.01 -3.79 -17.37
N HIS A 76 18.70 -3.03 -16.53
CA HIS A 76 20.08 -3.40 -16.19
C HIS A 76 20.15 -4.70 -15.41
N LEU A 77 19.28 -4.86 -14.39
CA LEU A 77 19.33 -6.07 -13.60
C LEU A 77 18.88 -7.27 -14.43
N LYS A 78 17.96 -7.07 -15.38
CA LYS A 78 17.47 -8.18 -16.20
C LYS A 78 18.54 -8.63 -17.18
N LYS A 79 19.28 -7.67 -17.76
CA LYS A 79 20.39 -8.08 -18.63
C LYS A 79 21.44 -8.86 -17.84
N SER A 80 21.70 -8.46 -16.59
CA SER A 80 22.72 -9.09 -15.75
C SER A 80 22.32 -10.49 -15.30
N HIS A 81 21.08 -10.67 -14.79
CA HIS A 81 20.76 -11.93 -14.13
C HIS A 81 19.25 -12.18 -14.14
N GLY A 82 18.60 -11.68 -15.20
CA GLY A 82 17.18 -11.94 -15.36
C GLY A 82 16.83 -13.42 -15.43
N ASN A 83 17.79 -14.26 -15.77
CA ASN A 83 17.58 -15.69 -15.85
C ASN A 83 17.37 -16.32 -14.47
N LEU A 84 17.64 -15.56 -13.39
CA LEU A 84 17.49 -16.09 -12.03
C LEU A 84 16.33 -15.49 -11.26
N VAL A 85 15.69 -14.43 -11.78
CA VAL A 85 14.70 -13.71 -11.00
C VAL A 85 13.51 -13.30 -11.87
N ASP A 86 12.37 -13.11 -11.18
CA ASP A 86 11.27 -12.31 -11.67
C ASP A 86 11.32 -10.89 -11.14
N PHE A 87 10.76 -9.97 -11.89
CA PHE A 87 10.71 -8.58 -11.45
C PHE A 87 9.30 -8.14 -11.17
N GLU A 88 9.11 -7.48 -10.04
CA GLU A 88 7.82 -6.95 -9.66
C GLU A 88 8.01 -5.59 -8.99
N ARG A 89 6.92 -5.00 -8.49
CA ARG A 89 6.96 -3.71 -7.84
C ARG A 89 6.14 -3.75 -6.57
N GLN A 90 6.48 -2.89 -5.60
CA GLN A 90 5.66 -2.78 -4.40
C GLN A 90 5.64 -1.35 -3.94
N GLY A 91 4.72 -1.09 -3.02
CA GLY A 91 4.64 0.27 -2.46
C GLY A 91 3.30 0.96 -2.76
N SER A 92 2.97 1.98 -1.96
CA SER A 92 1.73 2.71 -2.17
C SER A 92 1.67 3.40 -3.53
N VAL A 93 2.81 3.66 -4.18
CA VAL A 93 2.75 4.28 -5.50
C VAL A 93 2.06 3.33 -6.48
N THR A 95 -0.64 1.64 -6.01
CA THR A 95 -2.09 1.91 -5.97
C THR A 95 -2.40 3.39 -6.10
N ASN A 96 -1.38 4.22 -6.34
CA ASN A 96 -1.51 5.67 -6.36
C ASN A 96 -2.15 6.17 -5.08
N THR A 97 -1.82 5.54 -3.93
CA THR A 97 -2.36 6.04 -2.66
C THR A 97 -1.30 6.75 -1.86
N HIS A 98 -0.14 7.02 -2.46
CA HIS A 98 0.83 7.86 -1.78
C HIS A 98 0.35 9.32 -1.77
N ILE A 99 0.91 10.11 -0.84
CA ILE A 99 0.55 11.53 -0.73
C ILE A 99 1.76 12.44 -0.79
N LEU A 100 2.96 11.90 -1.00
CA LEU A 100 4.16 12.73 -1.19
C LEU A 100 4.72 12.54 -2.58
N LYS A 101 5.03 13.65 -3.27
CA LYS A 101 5.58 13.52 -4.61
C LYS A 101 6.91 12.77 -4.61
N GLU A 102 7.63 12.72 -3.48
CA GLU A 102 8.91 12.00 -3.42
C GLU A 102 8.76 10.51 -3.17
N ASN A 103 7.57 10.00 -2.89
CA ASN A 103 7.43 8.56 -2.74
C ASN A 103 7.65 7.86 -4.08
N ASP A 104 8.27 6.67 -4.04
CA ASP A 104 8.60 5.91 -5.21
C ASP A 104 8.14 4.47 -5.08
N VAL A 105 7.85 3.86 -6.23
CA VAL A 105 7.72 2.39 -6.29
C VAL A 105 9.06 1.79 -5.86
N ASP A 106 9.00 0.63 -5.18
CA ASP A 106 10.21 -0.18 -5.02
C ASP A 106 10.27 -1.23 -6.12
N LEU A 107 11.47 -1.51 -6.62
CA LEU A 107 11.65 -2.63 -7.53
C LEU A 107 11.95 -3.89 -6.71
N VAL A 108 11.23 -4.98 -7.00
CA VAL A 108 11.45 -6.25 -6.29
C VAL A 108 11.98 -7.25 -7.29
N GLN A 109 13.10 -7.88 -6.99
CA GLN A 109 13.60 -8.99 -7.81
C GLN A 109 13.55 -10.26 -6.98
N ILE A 110 12.89 -11.30 -7.49
CA ILE A 110 12.51 -12.46 -6.72
C ILE A 110 13.14 -13.66 -7.38
N THR A 111 13.99 -14.40 -6.65
CA THR A 111 14.55 -15.60 -7.25
C THR A 111 13.43 -16.57 -7.64
N ASN A 112 13.54 -17.20 -8.82
CA ASN A 112 12.37 -17.90 -9.36
C ASN A 112 12.66 -19.36 -9.69
N LYS A 113 13.79 -19.89 -9.23
CA LYS A 113 14.19 -21.30 -9.39
C LYS A 113 13.67 -22.20 -8.30
N SER A 114 13.47 -21.65 -7.11
CA SER A 114 12.99 -22.38 -5.96
C SER A 114 12.15 -21.40 -5.16
N SER A 115 11.23 -21.96 -4.38
CA SER A 115 10.33 -21.14 -3.61
C SER A 115 10.20 -21.75 -2.22
N GLU A 116 9.94 -20.90 -1.26
CA GLU A 116 9.47 -21.37 0.03
C GLU A 116 7.97 -21.66 -0.08
N PHE A 117 7.46 -22.53 0.78
CA PHE A 117 6.02 -22.80 0.73
C PHE A 117 5.55 -23.42 2.05
N ASP A 118 4.25 -23.38 2.27
CA ASP A 118 3.62 -23.98 3.45
C ASP A 118 3.48 -25.51 3.25
N HIS A 119 4.50 -26.24 3.71
CA HIS A 119 4.57 -27.70 3.55
C HIS A 119 3.42 -28.36 4.30
N LYS A 120 3.33 -28.05 5.59
CA LYS A 120 2.33 -28.70 6.41
C LYS A 120 0.93 -28.33 5.95
N GLY A 121 0.75 -27.06 5.55
CA GLY A 121 -0.55 -26.61 5.11
C GLY A 121 -0.99 -27.26 3.82
N LEU A 122 -0.05 -27.48 2.88
CA LEU A 122 -0.41 -28.16 1.63
C LEU A 122 -0.89 -29.57 1.92
N GLU A 123 -0.14 -30.30 2.75
CA GLU A 123 -0.52 -31.67 3.12
C GLU A 123 -1.88 -31.69 3.79
N LYS A 124 -2.07 -30.80 4.77
CA LYS A 124 -3.35 -30.76 5.47
C LYS A 124 -4.49 -30.51 4.51
N ALA A 125 -4.31 -29.56 3.58
CA ALA A 125 -5.40 -29.21 2.66
C ALA A 125 -5.73 -30.37 1.73
N LEU A 126 -4.71 -31.01 1.15
CA LEU A 126 -4.95 -32.12 0.23
C LEU A 126 -5.56 -33.33 0.91
N ASN A 127 -5.36 -33.47 2.21
CA ASN A 127 -5.94 -34.60 2.90
C ASN A 127 -7.33 -34.32 3.42
N ASN A 128 -7.89 -33.15 3.11
CA ASN A 128 -9.21 -32.77 3.61
C ASN A 128 -10.07 -32.25 2.44
N THR A 129 -10.33 -33.16 1.51
CA THR A 129 -10.92 -32.74 0.25
C THR A 129 -12.41 -32.45 0.37
N SER A 130 -13.10 -32.82 1.47
CA SER A 130 -14.54 -32.59 1.51
C SER A 130 -14.95 -31.13 1.46
N VAL A 131 -14.04 -30.19 1.80
CA VAL A 131 -14.35 -28.77 1.87
C VAL A 131 -13.77 -28.02 0.68
N LEU A 132 -13.11 -28.71 -0.24
CA LEU A 132 -12.38 -28.05 -1.32
C LEU A 132 -13.17 -28.10 -2.62
N LYS A 133 -13.22 -26.99 -3.35
CA LYS A 133 -13.73 -27.03 -4.70
C LYS A 133 -12.82 -27.90 -5.57
N THR A 134 -13.40 -28.48 -6.63
CA THR A 134 -12.60 -29.36 -7.48
C THR A 134 -11.43 -28.62 -8.11
N GLU A 135 -11.62 -27.36 -8.47
CA GLU A 135 -10.50 -26.63 -9.05
C GLU A 135 -9.39 -26.41 -8.02
N GLU A 136 -9.77 -26.25 -6.75
CA GLU A 136 -8.75 -26.06 -5.71
C GLU A 136 -7.99 -27.36 -5.50
N ILE A 137 -8.69 -28.49 -5.54
CA ILE A 137 -8.00 -29.76 -5.42
C ILE A 137 -7.00 -29.94 -6.55
N LEU A 138 -7.41 -29.64 -7.78
CA LEU A 138 -6.49 -29.83 -8.90
C LEU A 138 -5.28 -28.92 -8.79
N ASN A 139 -5.49 -27.66 -8.38
CA ASN A 139 -4.38 -26.73 -8.22
C ASN A 139 -3.41 -27.21 -7.16
N LEU A 140 -3.94 -27.61 -6.01
CA LEU A 140 -3.08 -28.09 -4.93
C LEU A 140 -2.30 -29.31 -5.35
N LYS A 141 -2.98 -30.22 -6.05
CA LYS A 141 -2.33 -31.47 -6.45
C LYS A 141 -1.16 -31.18 -7.37
N LYS A 142 -1.31 -30.20 -8.26
CA LYS A 142 -0.20 -29.89 -9.17
C LYS A 142 0.98 -29.32 -8.42
N HIS A 143 0.74 -28.48 -7.40
CA HIS A 143 1.85 -27.98 -6.59
C HIS A 143 2.57 -29.10 -5.87
N LYS A 144 1.80 -30.03 -5.30
CA LYS A 144 2.41 -31.20 -4.68
C LYS A 144 3.18 -32.04 -5.70
N GLU A 145 2.60 -32.28 -6.89
CA GLU A 145 3.22 -33.16 -7.87
C GLU A 145 4.49 -32.56 -8.47
N ASN A 146 4.53 -31.25 -8.65
CA ASN A 146 5.68 -30.63 -9.32
C ASN A 146 6.83 -30.30 -8.38
N PHE A 147 6.65 -30.42 -7.07
CA PHE A 147 7.70 -30.11 -6.12
C PHE A 147 8.92 -31.01 -6.31
N TYR A 150 15.13 -28.58 -4.25
CA TYR A 150 15.97 -27.68 -5.04
C TYR A 150 17.41 -28.18 -5.18
N GLN A 151 17.92 -28.13 -6.42
CA GLN A 151 19.28 -28.60 -6.74
C GLN A 151 20.37 -27.65 -6.22
N GLY A 152 20.08 -26.36 -6.14
CA GLY A 152 21.04 -25.34 -5.72
C GLY A 152 20.89 -24.98 -4.25
N ASN A 153 21.26 -23.75 -3.92
CA ASN A 153 21.17 -23.26 -2.55
C ASN A 153 20.39 -21.94 -2.56
N GLN A 154 19.18 -21.94 -1.99
CA GLN A 154 18.30 -20.77 -2.01
C GLN A 154 18.97 -19.54 -1.40
N ILE A 155 19.53 -19.67 -0.20
CA ILE A 155 20.13 -18.51 0.46
C ILE A 155 21.36 -18.04 -0.30
N ASP A 156 22.17 -18.98 -0.80
CA ASP A 156 23.34 -18.61 -1.57
C ASP A 156 22.95 -17.86 -2.83
N ASP A 157 21.86 -18.27 -3.47
CA ASP A 157 21.37 -17.54 -4.66
C ASP A 157 20.93 -16.14 -4.32
N LEU A 158 20.27 -15.95 -3.18
CA LEU A 158 19.87 -14.60 -2.77
C LEU A 158 21.09 -13.73 -2.52
N LYS A 159 22.09 -14.24 -1.75
CA LYS A 159 23.31 -13.47 -1.55
C LYS A 159 23.98 -13.14 -2.88
N TYR A 160 24.03 -14.10 -3.79
CA TYR A 160 24.62 -13.88 -5.10
C TYR A 160 23.89 -12.77 -5.85
N VAL A 161 22.55 -12.86 -5.92
CA VAL A 161 21.80 -11.83 -6.64
C VAL A 161 21.98 -10.47 -5.98
N ARG A 162 21.97 -10.41 -4.64
CA ARG A 162 22.22 -9.13 -3.97
C ARG A 162 23.57 -8.54 -4.34
N LEU A 163 24.62 -9.34 -4.27
CA LEU A 163 25.97 -8.80 -4.53
C LEU A 163 26.16 -8.50 -6.01
N LYS A 164 25.63 -9.35 -6.88
CA LYS A 164 25.73 -9.08 -8.31
C LYS A 164 25.01 -7.80 -8.68
N SER A 165 23.87 -7.57 -8.03
CA SER A 165 23.14 -6.32 -8.26
C SER A 165 23.91 -5.10 -7.78
N GLU A 166 24.58 -5.20 -6.61
CA GLU A 166 25.40 -4.07 -6.16
C GLU A 166 26.46 -3.72 -7.21
N LEU A 167 27.11 -4.76 -7.77
CA LEU A 167 28.16 -4.51 -8.76
C LEU A 167 27.60 -3.90 -10.04
N VAL A 168 26.51 -4.45 -10.57
CA VAL A 168 25.94 -3.93 -11.81
C VAL A 168 25.46 -2.50 -11.61
N LEU A 169 24.74 -2.26 -10.49
CA LEU A 169 24.18 -0.93 -10.32
C LEU A 169 25.27 0.10 -10.06
N SER A 170 26.31 -0.29 -9.30
CA SER A 170 27.38 0.67 -9.02
C SER A 170 28.17 1.00 -10.27
N SER A 171 28.24 0.07 -11.23
CA SER A 171 28.95 0.36 -12.46
C SER A 171 28.13 1.17 -13.44
N THR A 172 26.81 1.29 -13.23
CA THR A 172 25.87 1.97 -14.10
C THR A 172 25.51 3.36 -13.60
N TYR A 173 25.31 3.50 -12.29
CA TYR A 173 24.83 4.73 -11.71
C TYR A 173 25.88 5.35 -10.80
N LYS A 174 26.03 6.66 -10.89
CA LYS A 174 27.02 7.37 -10.08
C LYS A 174 26.80 7.17 -8.58
N THR A 175 25.56 7.26 -8.10
CA THR A 175 25.28 7.24 -6.67
C THR A 175 24.38 6.06 -6.35
N VAL A 176 24.92 5.09 -5.62
CA VAL A 176 24.24 3.86 -5.21
C VAL A 176 24.66 3.57 -3.77
N ASP A 177 23.68 3.44 -2.87
CA ASP A 177 23.91 3.04 -1.49
C ASP A 177 23.76 1.53 -1.39
N ILE A 178 24.88 0.86 -1.13
CA ILE A 178 24.90 -0.59 -1.01
C ILE A 178 25.00 -1.04 0.44
N GLU A 179 24.88 -0.11 1.39
CA GLU A 179 25.09 -0.48 2.79
C GLU A 179 23.81 -0.81 3.56
N LYS A 180 22.62 -0.65 2.98
CA LYS A 180 21.38 -0.95 3.71
C LYS A 180 21.12 -2.45 3.70
N GLU A 181 20.46 -2.93 4.76
CA GLU A 181 20.33 -4.38 4.97
C GLU A 181 19.38 -4.98 3.95
N ASN A 182 18.26 -4.32 3.70
CA ASN A 182 17.15 -4.94 2.99
C ASN A 182 16.94 -4.35 1.60
N SER A 183 17.74 -3.39 1.16
CA SER A 183 17.59 -2.93 -0.22
C SER A 183 18.89 -2.27 -0.67
N ILE A 184 18.99 -2.06 -1.98
CA ILE A 184 20.00 -1.22 -2.61
C ILE A 184 19.32 0.07 -3.07
N TYR A 185 19.89 1.24 -2.76
CA TYR A 185 19.23 2.50 -3.09
C TYR A 185 19.95 3.13 -4.27
N VAL A 186 19.22 3.33 -5.38
CA VAL A 186 19.81 3.78 -6.64
C VAL A 186 19.33 5.18 -6.96
N LYS A 187 20.25 6.08 -7.28
CA LYS A 187 19.85 7.40 -7.78
C LYS A 187 19.82 7.32 -9.29
N VAL A 188 18.61 7.21 -9.86
CA VAL A 188 18.45 7.23 -11.32
C VAL A 188 18.51 8.68 -11.78
N THR A 189 19.14 8.95 -12.93
CA THR A 189 19.30 10.34 -13.31
C THR A 189 18.33 10.81 -14.38
N GLU A 190 17.81 9.90 -15.20
CA GLU A 190 16.82 10.25 -16.22
C GLU A 190 15.74 9.19 -16.22
N PRO A 191 14.58 9.47 -15.62
CA PRO A 191 14.22 10.67 -14.87
C PRO A 191 14.85 10.62 -13.48
N GLU A 192 15.03 11.77 -12.84
CA GLU A 192 15.73 11.85 -11.57
C GLU A 192 14.82 11.36 -10.44
N ARG A 193 15.01 10.08 -10.04
CA ARG A 193 14.25 9.46 -8.97
C ARG A 193 15.16 8.51 -8.22
N ASP A 194 14.89 8.31 -6.91
CA ASP A 194 15.66 7.35 -6.13
C ASP A 194 14.84 6.09 -5.92
N ILE A 195 15.38 4.96 -6.37
CA ILE A 195 14.63 3.70 -6.37
C ILE A 195 15.31 2.70 -5.44
N ASP A 196 14.54 2.10 -4.54
CA ASP A 196 15.03 0.98 -3.73
C ASP A 196 14.83 -0.33 -4.48
N VAL A 197 15.87 -1.18 -4.47
CA VAL A 197 15.89 -2.49 -5.11
C VAL A 197 15.89 -3.54 -4.01
N VAL A 198 14.83 -4.33 -3.95
CA VAL A 198 14.61 -5.36 -2.93
C VAL A 198 14.87 -6.71 -3.58
N THR A 199 15.59 -7.59 -2.86
CA THR A 199 15.89 -8.94 -3.31
C THR A 199 15.18 -9.92 -2.39
N ALA A 200 14.43 -10.85 -2.96
CA ALA A 200 13.58 -11.73 -2.19
C ALA A 200 13.44 -13.08 -2.86
N THR A 201 12.88 -14.03 -2.12
CA THR A 201 12.38 -15.25 -2.76
C THR A 201 10.87 -15.34 -2.57
N TYR A 202 10.22 -16.21 -3.32
CA TYR A 202 8.77 -16.37 -3.14
C TYR A 202 8.44 -17.23 -1.93
N TYR A 203 7.22 -17.01 -1.43
CA TYR A 203 6.59 -17.91 -0.48
C TYR A 203 5.20 -18.23 -0.98
N LYS A 204 4.93 -19.53 -1.12
CA LYS A 204 3.61 -20.01 -1.58
C LYS A 204 2.75 -20.42 -0.40
N SER A 205 1.68 -19.64 -0.15
CA SER A 205 0.72 -20.00 0.89
C SER A 205 -0.27 -21.04 0.36
N VAL A 206 -1.01 -21.66 1.27
CA VAL A 206 -2.09 -22.55 0.87
C VAL A 206 -3.10 -21.81 -0.01
N ASP A 207 -3.45 -20.56 0.34
CA ASP A 207 -4.42 -19.86 -0.49
C ASP A 207 -3.89 -19.60 -1.90
N PHE A 208 -2.60 -19.27 -2.02
CA PHE A 208 -2.00 -19.21 -3.36
C PHE A 208 -2.07 -20.56 -4.06
N LYS A 210 -4.03 -22.95 -3.73
CA LYS A 210 -5.41 -23.33 -4.13
C LYS A 210 -5.91 -22.62 -5.38
N THR A 211 -5.35 -21.45 -5.72
CA THR A 211 -5.96 -20.55 -6.70
C THR A 211 -5.05 -20.24 -7.87
N ASN A 212 -3.73 -20.24 -7.65
CA ASN A 212 -2.74 -19.71 -8.58
C ASN A 212 -3.02 -18.25 -8.95
N ASP A 213 -3.64 -17.51 -8.03
CA ASP A 213 -3.80 -16.06 -8.18
C ASP A 213 -2.42 -15.44 -7.95
N LYS A 214 -1.84 -14.82 -9.00
CA LYS A 214 -0.49 -14.28 -8.87
C LYS A 214 -0.37 -13.28 -7.72
N SER A 215 -1.42 -12.56 -7.42
CA SER A 215 -1.34 -11.54 -6.40
C SER A 215 -1.23 -12.11 -5.00
N ARG A 216 -1.56 -13.39 -4.84
CA ARG A 216 -1.46 -14.03 -3.52
C ARG A 216 -0.06 -14.57 -3.24
N LYS A 217 0.85 -14.48 -4.19
CA LYS A 217 2.21 -14.94 -3.94
C LYS A 217 2.91 -14.02 -2.95
N GLY A 218 3.60 -14.61 -1.97
CA GLY A 218 4.30 -13.85 -0.96
C GLY A 218 5.78 -13.71 -1.30
N ILE A 219 6.42 -12.76 -0.62
CA ILE A 219 7.88 -12.68 -0.72
C ILE A 219 8.49 -12.73 0.66
N GLN A 220 9.72 -13.24 0.69
CA GLN A 220 10.58 -13.22 1.89
C GLN A 220 11.84 -12.49 1.47
N ILE A 221 12.00 -11.29 1.99
CA ILE A 221 13.08 -10.39 1.58
C ILE A 221 14.40 -10.81 2.21
N TYR A 222 15.46 -10.80 1.40
CA TYR A 222 16.81 -11.12 1.87
C TYR A 222 17.47 -9.96 2.61
N ASN A 223 17.96 -10.21 3.81
CA ASN A 223 18.70 -9.25 4.61
C ASN A 223 20.19 -9.51 4.47
N LYS A 224 20.92 -8.54 3.91
CA LYS A 224 22.34 -8.76 3.60
C LYS A 224 23.21 -8.88 4.84
N LYS A 225 22.82 -8.19 5.90
CA LYS A 225 23.61 -8.15 7.13
C LYS A 225 23.48 -9.46 7.89
N THR A 226 22.25 -9.94 8.07
CA THR A 226 22.03 -11.18 8.81
C THR A 226 22.24 -12.41 7.94
N GLY A 227 22.11 -12.28 6.61
CA GLY A 227 22.19 -13.47 5.78
C GLY A 227 20.93 -14.31 5.82
N LYS A 228 19.84 -13.80 6.34
CA LYS A 228 18.60 -14.55 6.49
C LYS A 228 17.48 -13.90 5.69
N ILE A 229 16.39 -14.63 5.49
CA ILE A 229 15.22 -14.04 4.84
C ILE A 229 14.22 -13.63 5.91
N ASN A 230 13.55 -12.50 5.67
CA ASN A 230 12.55 -11.95 6.57
C ASN A 230 11.26 -12.77 6.51
N ASP A 231 10.38 -12.52 7.47
CA ASP A 231 9.06 -13.13 7.45
C ASP A 231 8.29 -12.71 6.19
N VAL A 232 7.32 -13.55 5.79
CA VAL A 232 6.63 -13.35 4.52
C VAL A 232 5.83 -12.06 4.52
N ASP A 233 5.84 -11.36 3.39
CA ASP A 233 5.04 -10.17 3.14
C ASP A 233 4.19 -10.45 1.91
N TYR A 234 3.00 -9.84 1.83
CA TYR A 234 2.12 -10.02 0.66
C TYR A 234 1.83 -8.68 0.00
N PRO A 235 2.85 -7.99 -0.50
CA PRO A 235 2.63 -6.65 -1.05
C PRO A 235 1.73 -6.67 -2.28
N PHE A 236 1.79 -7.73 -3.09
CA PHE A 236 1.00 -7.72 -4.31
C PHE A 236 -0.47 -7.94 -4.01
N LEU A 237 -0.77 -8.58 -2.86
CA LEU A 237 -2.14 -8.83 -2.48
C LEU A 237 -2.82 -7.55 -2.03
N SER A 238 -2.11 -6.73 -1.24
CA SER A 238 -2.62 -5.41 -0.90
C SER A 238 -2.86 -4.58 -2.13
N ILE A 239 -1.91 -4.57 -3.06
CA ILE A 239 -2.07 -3.77 -4.27
C ILE A 239 -3.31 -4.22 -5.04
N GLU A 240 -3.41 -5.53 -5.31
CA GLU A 240 -4.54 -6.00 -6.09
C GLU A 240 -5.85 -5.70 -5.40
N ARG A 241 -5.92 -5.94 -4.08
CA ARG A 241 -7.22 -5.79 -3.42
C ARG A 241 -7.65 -4.32 -3.34
N ILE A 242 -6.71 -3.41 -3.05
CA ILE A 242 -7.06 -1.99 -3.04
C ILE A 242 -7.49 -1.54 -4.44
N ASN A 243 -6.76 -1.97 -5.48
CA ASN A 243 -7.15 -1.55 -6.82
C ASN A 243 -8.52 -2.09 -7.21
N VAL A 244 -8.80 -3.36 -6.85
CA VAL A 244 -10.10 -3.95 -7.18
C VAL A 244 -11.22 -3.28 -6.39
N LYS A 245 -11.04 -3.09 -5.07
CA LYS A 245 -12.13 -2.50 -4.34
C LYS A 245 -12.34 -1.03 -4.70
N ASP A 246 -11.29 -0.33 -5.17
CA ASP A 246 -11.52 1.03 -5.63
C ASP A 246 -12.48 1.02 -6.81
N ILE A 247 -12.31 0.03 -7.71
CA ILE A 247 -13.23 -0.07 -8.85
C ILE A 247 -14.65 -0.37 -8.36
N ILE A 248 -14.79 -1.37 -7.48
CA ILE A 248 -16.11 -1.71 -6.94
C ILE A 248 -16.75 -0.51 -6.25
N SER A 249 -15.95 0.32 -5.54
CA SER A 249 -16.44 1.48 -4.83
C SER A 249 -16.81 2.67 -5.72
N ASN A 250 -16.84 2.50 -7.05
CA ASN A 250 -17.05 3.63 -7.98
C ASN A 250 -15.99 4.71 -7.78
N ARG A 251 -14.75 4.25 -7.61
CA ARG A 251 -13.55 5.11 -7.59
C ARG A 251 -13.62 6.09 -6.44
N ARG A 252 -14.03 5.61 -5.26
CA ARG A 252 -14.03 6.43 -4.05
C ARG A 252 -13.06 5.95 -2.97
N LEU A 253 -12.71 4.66 -2.95
CA LEU A 253 -11.90 4.12 -1.84
C LEU A 253 -10.56 4.84 -1.76
N LYS A 254 -9.87 4.96 -2.88
CA LYS A 254 -8.54 5.60 -2.83
C LYS A 254 -8.63 7.06 -2.39
N ASN A 255 -9.69 7.77 -2.76
CA ASN A 255 -9.85 9.14 -2.29
C ASN A 255 -9.95 9.18 -0.77
N ILE A 257 -8.61 6.93 1.30
CA ILE A 257 -7.31 6.57 1.87
C ILE A 257 -6.39 7.80 1.86
N ARG A 258 -6.30 8.47 0.69
CA ARG A 258 -5.39 9.61 0.59
C ARG A 258 -5.83 10.73 1.52
N PHE A 259 -7.15 10.95 1.64
CA PHE A 259 -7.64 11.97 2.57
C PHE A 259 -7.19 11.68 3.98
N LEU A 260 -7.41 10.44 4.46
CA LEU A 260 -7.02 10.17 5.87
C LEU A 260 -5.51 10.28 6.06
N LYS A 261 -4.71 9.85 5.06
CA LYS A 261 -3.26 10.00 5.15
C LYS A 261 -2.86 11.46 5.26
N ASN A 262 -3.53 12.34 4.50
CA ASN A 262 -3.22 13.77 4.59
C ASN A 262 -3.62 14.32 5.94
N ILE A 263 -4.81 13.96 6.42
CA ILE A 263 -5.23 14.46 7.75
C ILE A 263 -4.23 14.01 8.80
N LYS A 264 -3.80 12.75 8.74
CA LYS A 264 -2.83 12.29 9.76
C LYS A 264 -1.52 13.09 9.67
N TYR A 265 -1.07 13.35 8.45
CA TYR A 265 0.20 14.00 8.21
C TYR A 265 0.20 15.42 8.79
N ASP A 266 -0.93 16.12 8.66
CA ASP A 266 -1.05 17.51 9.10
C ASP A 266 -1.53 17.63 10.53
N CYS A 267 -1.86 16.53 11.19
CA CYS A 267 -2.32 16.61 12.58
C CYS A 267 -1.15 16.75 13.55
N PRO A 268 -1.07 17.83 14.32
CA PRO A 268 0.10 18.03 15.18
C PRO A 268 0.14 17.10 16.39
N HIS A 269 -0.96 16.44 16.69
CA HIS A 269 -1.05 15.53 17.81
C HIS A 269 -0.61 14.11 17.48
N ILE A 270 -0.26 13.82 16.22
CA ILE A 270 0.10 12.47 15.79
C ILE A 270 1.51 12.50 15.23
N GLU A 271 2.38 11.63 15.75
CA GLU A 271 3.72 11.44 15.20
C GLU A 271 3.64 10.84 13.80
N ASN A 272 4.53 11.29 12.89
CA ASN A 272 4.47 10.75 11.53
C ASN A 272 4.68 9.24 11.52
N LYS A 273 5.57 8.73 12.36
CA LYS A 273 5.83 7.29 12.32
C LYS A 273 5.33 6.68 13.61
N GLY A 274 4.02 6.77 13.81
CA GLY A 274 3.42 6.36 15.04
C GLY A 274 2.79 4.99 14.94
N SER A 275 1.74 4.79 15.75
CA SER A 275 1.11 3.49 15.84
C SER A 275 0.19 3.18 14.67
N ILE A 276 -0.36 4.22 14.00
CA ILE A 276 -1.21 4.03 12.84
C ILE A 276 -0.41 4.47 11.64
N ARG A 277 -0.18 3.54 10.72
CA ARG A 277 0.60 3.77 9.52
C ARG A 277 -0.27 3.59 8.28
N SER A 278 0.34 3.73 7.12
CA SER A 278 -0.39 3.55 5.87
C SER A 278 -1.14 2.22 5.82
N PHE A 279 -0.48 1.14 6.26
CA PHE A 279 -1.08 -0.20 6.31
C PHE A 279 -2.42 -0.18 7.05
N HIS A 280 -2.46 0.53 8.19
CA HIS A 280 -3.67 0.54 9.00
C HIS A 280 -4.72 1.41 8.37
N ILE A 281 -4.33 2.56 7.78
CA ILE A 281 -5.30 3.41 7.10
C ILE A 281 -5.92 2.66 5.94
N ASN A 282 -5.09 1.95 5.18
CA ASN A 282 -5.62 1.16 4.06
C ASN A 282 -6.67 0.19 4.57
N ALA A 283 -6.34 -0.55 5.64
CA ALA A 283 -7.24 -1.57 6.18
C ALA A 283 -8.54 -0.97 6.73
N ILE A 284 -8.46 0.17 7.41
CA ILE A 284 -9.67 0.78 7.96
C ILE A 284 -10.60 1.16 6.80
N CYS A 285 -10.02 1.80 5.76
CA CYS A 285 -10.88 2.24 4.64
C CYS A 285 -11.42 1.06 3.85
N TYR A 286 -10.59 0.04 3.64
CA TYR A 286 -10.97 -1.13 2.88
C TYR A 286 -12.08 -1.89 3.58
N ASN A 287 -12.14 -1.81 4.91
CA ASN A 287 -13.13 -2.59 5.62
C ASN A 287 -14.53 -1.95 5.56
N ILE A 288 -14.65 -0.68 5.12
CA ILE A 288 -15.97 -0.05 5.06
C ILE A 288 -16.79 -0.72 3.96
N ASP A 289 -18.07 -0.95 4.24
CA ASP A 289 -18.96 -1.62 3.29
C ASP A 289 -19.18 -0.69 2.11
N VAL A 290 -18.85 -1.14 0.88
CA VAL A 290 -18.93 -0.23 -0.26
C VAL A 290 -20.34 0.31 -0.46
N LYS A 291 -21.38 -0.46 -0.10
CA LYS A 291 -22.72 0.04 -0.36
C LYS A 291 -23.03 1.30 0.45
N LYS A 292 -22.28 1.54 1.52
CA LYS A 292 -22.54 2.71 2.34
C LYS A 292 -22.02 3.98 1.70
N TYR A 293 -21.11 3.89 0.72
CA TYR A 293 -20.51 5.11 0.23
C TYR A 293 -20.27 5.17 -1.29
N GLU A 294 -20.50 4.09 -2.06
CA GLU A 294 -20.13 4.13 -3.46
C GLU A 294 -20.90 5.16 -4.27
N ASP A 295 -22.04 5.67 -3.78
CA ASP A 295 -22.79 6.67 -4.55
C ASP A 295 -22.80 8.01 -3.85
N LEU A 296 -21.99 8.18 -2.84
CA LEU A 296 -21.98 9.46 -2.12
C LEU A 296 -21.09 10.48 -2.83
N HIS A 297 -21.51 11.74 -2.74
CA HIS A 297 -20.67 12.86 -3.13
C HIS A 297 -19.43 12.91 -2.24
N TYR A 298 -18.32 13.45 -2.77
CA TYR A 298 -17.06 13.38 -2.02
C TYR A 298 -17.11 14.05 -0.64
N LEU A 299 -17.88 15.13 -0.48
CA LEU A 299 -17.94 15.78 0.84
C LEU A 299 -18.62 14.87 1.85
N ASP A 300 -19.60 14.07 1.41
CA ASP A 300 -20.28 13.20 2.33
C ASP A 300 -19.39 12.04 2.76
N LEU A 301 -18.29 11.75 2.05
CA LEU A 301 -17.36 10.74 2.52
C LEU A 301 -16.69 11.12 3.82
N VAL A 302 -16.58 12.43 4.12
CA VAL A 302 -15.93 12.82 5.37
C VAL A 302 -16.75 12.31 6.54
N SER A 303 -18.08 12.43 6.43
CA SER A 303 -18.98 11.90 7.45
C SER A 303 -18.89 10.37 7.56
N ILE A 304 -18.80 9.66 6.43
CA ILE A 304 -18.64 8.18 6.48
C ILE A 304 -17.40 7.81 7.28
N LEU A 305 -16.29 8.48 6.98
CA LEU A 305 -15.04 8.21 7.70
C LEU A 305 -15.17 8.53 9.18
N TYR A 306 -15.79 9.67 9.52
CA TYR A 306 -15.98 10.01 10.93
C TYR A 306 -16.81 8.94 11.62
N GLN A 307 -17.89 8.48 10.98
CA GLN A 307 -18.69 7.43 11.57
C GLN A 307 -17.87 6.15 11.76
N GLU A 308 -17.04 5.78 10.79
CA GLU A 308 -16.28 4.56 10.95
C GLU A 308 -15.28 4.67 12.09
N LEU A 309 -14.53 5.79 12.17
CA LEU A 309 -13.59 5.92 13.29
C LEU A 309 -14.30 5.94 14.62
N THR A 310 -15.47 6.62 14.71
CA THR A 310 -16.26 6.61 15.93
C THR A 310 -16.66 5.20 16.34
N ASN A 311 -17.05 4.37 15.36
CA ASN A 311 -17.43 2.98 15.64
C ASN A 311 -16.24 2.17 16.09
N ILE A 312 -15.08 2.42 15.49
CA ILE A 312 -13.88 1.73 15.96
C ILE A 312 -13.55 2.06 17.41
N ILE A 313 -13.65 3.34 17.79
CA ILE A 313 -13.36 3.75 19.16
C ILE A 313 -14.37 3.16 20.13
N SER A 314 -15.63 3.08 19.73
CA SER A 314 -16.70 2.75 20.70
C SER A 314 -17.02 1.28 20.78
N ASN A 315 -16.74 0.49 19.75
CA ASN A 315 -17.25 -0.88 19.68
C ASN A 315 -16.09 -1.86 19.63
N LYS A 316 -15.83 -2.53 20.78
CA LYS A 316 -14.66 -3.39 20.91
C LYS A 316 -14.75 -4.59 19.97
N SER A 317 -15.89 -5.32 19.95
CA SER A 317 -15.94 -6.51 19.09
C SER A 317 -15.77 -6.15 17.63
N TYR A 318 -16.32 -5.01 17.21
CA TYR A 318 -16.12 -4.54 15.84
C TYR A 318 -14.65 -4.27 15.58
N ARG A 319 -13.99 -3.49 16.44
CA ARG A 319 -12.62 -3.15 16.08
C ARG A 319 -11.72 -4.38 16.15
N ASP A 320 -12.03 -5.31 17.05
CA ASP A 320 -11.16 -6.45 17.22
C ASP A 320 -11.17 -7.39 16.02
N ASN A 321 -12.14 -7.26 15.12
CA ASN A 321 -12.23 -8.19 14.01
C ASN A 321 -11.87 -7.57 12.67
N ILE A 322 -11.37 -6.33 12.66
CA ILE A 322 -10.93 -5.72 11.41
C ILE A 322 -9.57 -6.31 11.04
N LYS A 323 -9.48 -6.86 9.83
CA LYS A 323 -8.23 -7.43 9.32
C LYS A 323 -7.50 -6.43 8.45
N SER A 324 -6.20 -6.70 8.29
CA SER A 324 -5.42 -6.01 7.27
C SER A 324 -5.92 -6.36 5.88
N VAL A 325 -5.55 -5.54 4.89
CA VAL A 325 -6.05 -5.79 3.52
C VAL A 325 -5.62 -7.17 3.08
N ASP A 326 -4.41 -7.60 3.43
CA ASP A 326 -3.92 -8.92 2.98
C ASP A 326 -4.52 -10.07 3.79
N GLY A 327 -5.33 -9.76 4.81
CA GLY A 327 -6.03 -10.80 5.56
C GLY A 327 -5.21 -11.52 6.59
N CYS A 328 -3.98 -11.10 6.82
CA CYS A 328 -3.07 -11.88 7.66
C CYS A 328 -2.93 -11.37 9.11
N GLU A 329 -3.44 -10.20 9.44
CA GLU A 329 -3.39 -9.70 10.81
C GLU A 329 -4.71 -9.06 11.16
N TYR A 330 -4.97 -8.96 12.47
CA TYR A 330 -6.02 -8.09 12.98
C TYR A 330 -5.35 -6.79 13.35
N ILE A 331 -5.80 -5.68 12.76
CA ILE A 331 -5.00 -4.44 12.88
C ILE A 331 -5.11 -3.79 14.24
N PHE A 332 -6.04 -4.20 15.10
CA PHE A 332 -6.06 -3.69 16.49
C PHE A 332 -5.68 -4.76 17.51
N GLU A 333 -5.11 -5.90 17.09
CA GLU A 333 -4.75 -6.94 18.05
C GLU A 333 -3.65 -6.46 18.98
N PHE A 334 -2.65 -5.78 18.43
CA PHE A 334 -1.52 -5.32 19.24
C PHE A 334 -1.45 -3.81 19.27
N ASP A 335 -0.99 -3.30 20.41
CA ASP A 335 -0.87 -1.85 20.62
C ASP A 335 -2.21 -1.16 20.43
N CYS A 336 -3.28 -1.82 20.85
CA CYS A 336 -4.59 -1.30 20.53
C CYS A 336 -4.83 0.07 21.15
N ALA A 337 -4.52 0.21 22.44
CA ALA A 337 -4.82 1.49 23.07
C ALA A 337 -3.99 2.63 22.52
N LYS A 338 -2.74 2.38 22.13
CA LYS A 338 -1.95 3.43 21.46
C LYS A 338 -2.51 3.77 20.09
N LYS A 339 -2.97 2.77 19.35
CA LYS A 339 -3.56 3.05 18.04
C LYS A 339 -4.82 3.88 18.22
N LEU A 340 -5.62 3.54 19.25
CA LEU A 340 -6.84 4.31 19.47
C LEU A 340 -6.58 5.77 19.82
N ILE A 341 -5.46 6.11 20.46
CA ILE A 341 -5.16 7.53 20.66
C ILE A 341 -5.10 8.22 19.31
N GLU A 342 -4.36 7.63 18.35
CA GLU A 342 -4.23 8.27 17.05
C GLU A 342 -5.59 8.30 16.33
N ILE A 343 -6.36 7.22 16.42
CA ILE A 343 -7.70 7.23 15.81
C ILE A 343 -8.54 8.34 16.43
N GLU A 344 -8.48 8.51 17.77
CA GLU A 344 -9.24 9.59 18.42
C GLU A 344 -8.81 10.98 17.91
N PHE A 345 -7.51 11.24 17.77
CA PHE A 345 -7.10 12.54 17.21
C PHE A 345 -7.56 12.68 15.78
N LEU A 346 -7.52 11.61 14.99
CA LEU A 346 -8.02 11.72 13.61
C LEU A 346 -9.51 12.01 13.61
N SER A 347 -10.29 11.36 14.48
CA SER A 347 -11.72 11.60 14.50
C SER A 347 -12.01 13.04 14.92
N GLN A 348 -11.20 13.61 15.81
CA GLN A 348 -11.40 15.01 16.18
C GLN A 348 -11.14 15.95 15.00
N GLU A 349 -10.14 15.64 14.15
CA GLU A 349 -9.94 16.45 12.97
C GLU A 349 -11.13 16.35 12.04
N LEU A 350 -11.63 15.12 11.81
CA LEU A 350 -12.81 15.00 10.92
C LEU A 350 -14.02 15.72 11.51
N ASP A 351 -14.19 15.68 12.84
CA ASP A 351 -15.31 16.40 13.44
C ASP A 351 -15.19 17.89 13.14
N SER A 352 -13.99 18.45 13.30
CA SER A 352 -13.80 19.87 13.00
C SER A 352 -14.09 20.18 11.55
N ILE A 353 -13.60 19.35 10.63
CA ILE A 353 -13.85 19.57 9.21
C ILE A 353 -15.34 19.57 8.91
N ILE A 354 -16.07 18.61 9.48
CA ILE A 354 -17.51 18.51 9.23
C ILE A 354 -18.20 19.74 9.78
N ALA A 355 -17.77 20.19 10.97
CA ALA A 355 -18.37 21.38 11.53
C ALA A 355 -18.09 22.60 10.67
N ASP A 356 -16.88 22.71 10.12
CA ASP A 356 -16.54 23.85 9.30
C ASP A 356 -17.28 23.83 7.96
N LEU A 357 -17.51 22.62 7.39
CA LEU A 357 -18.37 22.52 6.21
C LEU A 357 -19.78 22.99 6.53
N HIS A 358 -20.34 22.54 7.66
CA HIS A 358 -21.68 23.00 8.05
C HIS A 358 -21.73 24.51 8.17
N ASN A 359 -20.68 25.13 8.72
CA ASN A 359 -20.73 26.58 8.90
C ASN A 359 -20.57 27.31 7.56
N GLN A 360 -19.85 26.74 6.61
CA GLN A 360 -19.77 27.34 5.28
C GLN A 360 -21.11 27.26 4.56
N SER A 361 -21.83 26.17 4.74
CA SER A 361 -23.17 26.07 4.17
C SER A 361 -24.19 26.77 5.06
#